data_4H0H
#
_entry.id   4H0H
#
_cell.length_a   80.330
_cell.length_b   80.330
_cell.length_c   74.980
_cell.angle_alpha   90.00
_cell.angle_beta   90.00
_cell.angle_gamma   120.00
#
_symmetry.space_group_name_H-M   'P 31 2 1'
#
loop_
_entity.id
_entity.type
_entity.pdbx_description
1 polymer '2D10 scFv'
2 polymer peptide
3 water water
#
loop_
_entity_poly.entity_id
_entity_poly.type
_entity_poly.pdbx_seq_one_letter_code
_entity_poly.pdbx_strand_id
1 'polypeptide(L)'
;MEIQLQQSGPELVKPGASVKISCKASGYSFTDYIMLWVKQSHGKSLEWIGNINPYYGSTSYNLKFKGKATLTVDKSSSTA
YMQLNSLTSEDSAVYYCARKNYYGSSLDYWGQGTTLTVSSAKTTGGGGSGGGGSGGGGSDVVMTQTPFSLPVSLGDQASI
SCRSSQSLVHSNGNTYLHWYLQKPGQSPKLLIYKVSNRFSGVPDRFSGSGSGTDFTLKISRVEAEDLGVYFCSQSTHVPY
TFGGGTKLEIK
;
B
2 'polypeptide(L)' DVFYPYPYASGS D
#
# COMPACT_ATOMS: atom_id res chain seq x y z
N MET A 1 -7.74 -19.09 11.71
CA MET A 1 -7.27 -18.01 12.68
C MET A 1 -7.26 -16.59 12.08
N GLU A 2 -7.72 -16.48 10.82
CA GLU A 2 -7.69 -15.21 10.05
C GLU A 2 -6.42 -14.36 10.21
N ILE A 3 -5.97 -13.81 9.12
CA ILE A 3 -4.70 -13.16 9.07
C ILE A 3 -4.81 -11.81 9.77
N GLN A 4 -3.76 -11.47 10.52
CA GLN A 4 -3.64 -10.18 11.12
C GLN A 4 -2.19 -9.64 11.19
N LEU A 5 -2.00 -8.34 10.90
CA LEU A 5 -0.66 -7.73 10.92
C LEU A 5 -0.85 -6.65 11.96
N GLN A 6 -0.16 -6.86 13.09
CA GLN A 6 -0.30 -5.96 14.22
C GLN A 6 0.99 -5.15 14.46
N GLN A 7 0.91 -3.83 14.20
CA GLN A 7 2.14 -2.97 14.33
C GLN A 7 2.25 -2.39 15.71
N SER A 8 3.42 -1.92 16.05
CA SER A 8 3.64 -1.28 17.28
C SER A 8 2.95 0.07 17.40
N GLY A 9 2.87 0.60 18.61
CA GLY A 9 2.03 1.78 18.84
C GLY A 9 2.67 3.09 18.32
N PRO A 10 1.94 4.19 18.41
CA PRO A 10 2.44 5.52 17.95
C PRO A 10 3.70 5.91 18.60
N GLU A 11 4.56 6.64 17.86
CA GLU A 11 5.87 7.00 18.37
C GLU A 11 6.08 8.54 18.36
N LEU A 12 6.75 9.02 19.38
CA LEU A 12 7.08 10.44 19.53
C LEU A 12 8.57 10.46 19.71
N VAL A 13 9.32 10.99 18.74
CA VAL A 13 10.74 10.93 18.84
C VAL A 13 11.38 12.29 18.52
N LYS A 14 12.59 12.47 19.02
CA LYS A 14 13.36 13.70 18.81
C LYS A 14 14.06 13.61 17.40
N PRO A 15 14.20 14.75 16.72
CA PRO A 15 14.93 14.74 15.45
C PRO A 15 16.30 14.17 15.66
N GLY A 16 16.77 13.37 14.72
CA GLY A 16 18.11 12.81 14.89
C GLY A 16 18.10 11.43 15.53
N ALA A 17 17.00 11.08 16.18
CA ALA A 17 16.92 9.78 16.83
C ALA A 17 16.59 8.75 15.75
N SER A 18 16.51 7.49 16.18
CA SER A 18 16.09 6.37 15.29
C SER A 18 14.83 5.76 15.91
N VAL A 19 14.07 5.04 15.10
CA VAL A 19 12.87 4.30 15.64
C VAL A 19 12.84 2.92 14.96
N LYS A 20 12.42 1.93 15.72
CA LYS A 20 12.28 0.61 15.15
C LYS A 20 10.82 0.20 15.28
N ILE A 21 10.10 0.18 14.16
CA ILE A 21 8.67 -0.14 14.16
C ILE A 21 8.50 -1.69 13.91
N SER A 22 7.60 -2.34 14.68
CA SER A 22 7.39 -3.78 14.50
C SER A 22 6.08 -4.09 13.81
N CYS A 23 6.01 -5.29 13.20
CA CYS A 23 4.82 -5.72 12.49
C CYS A 23 4.69 -7.22 12.73
N LYS A 24 3.88 -7.60 13.74
CA LYS A 24 3.76 -9.03 14.12
C LYS A 24 2.66 -9.68 13.28
N ALA A 25 3.03 -10.73 12.57
CA ALA A 25 2.07 -11.40 11.70
C ALA A 25 1.50 -12.64 12.49
N SER A 26 0.24 -12.93 12.26
CA SER A 26 -0.40 -14.13 12.81
C SER A 26 -1.49 -14.57 11.81
N GLY A 27 -1.74 -15.89 11.80
CA GLY A 27 -2.85 -16.43 10.92
C GLY A 27 -2.30 -16.94 9.61
N TYR A 28 -0.97 -16.81 9.39
CA TYR A 28 -0.38 -17.39 8.13
C TYR A 28 1.07 -17.76 8.31
N SER A 29 1.62 -18.43 7.34
CA SER A 29 2.99 -18.90 7.39
C SER A 29 3.90 -17.69 7.02
N PHE A 30 4.46 -17.08 8.06
CA PHE A 30 5.28 -15.86 7.94
C PHE A 30 6.32 -15.91 6.82
N THR A 31 7.08 -17.01 6.71
CA THR A 31 8.14 -17.09 5.70
C THR A 31 7.68 -17.40 4.27
N ASP A 32 6.37 -17.56 4.02
CA ASP A 32 5.85 -17.82 2.69
C ASP A 32 5.38 -16.64 1.91
N TYR A 33 5.47 -15.43 2.52
CA TYR A 33 4.94 -14.21 1.89
C TYR A 33 5.92 -13.02 2.08
N ILE A 34 6.12 -12.24 0.99
CA ILE A 34 6.92 -11.02 1.07
C ILE A 34 6.21 -10.02 1.96
N MET A 35 6.99 -9.29 2.79
CA MET A 35 6.40 -8.25 3.63
C MET A 35 6.87 -6.95 3.04
N LEU A 36 5.91 -6.07 2.72
CA LEU A 36 6.20 -4.83 2.10
C LEU A 36 5.90 -3.71 3.10
N TRP A 37 6.60 -2.59 2.99
CA TRP A 37 6.31 -1.45 3.85
C TRP A 37 5.99 -0.22 3.03
N VAL A 38 5.10 0.62 3.57
CA VAL A 38 4.58 1.77 2.83
C VAL A 38 4.58 2.98 3.76
N LYS A 39 4.90 4.15 3.22
CA LYS A 39 4.83 5.40 3.98
C LYS A 39 3.70 6.24 3.49
N GLN A 40 2.99 6.90 4.40
CA GLN A 40 1.97 7.79 3.93
C GLN A 40 2.03 9.10 4.73
N SER A 41 2.60 10.13 4.10
CA SER A 41 2.73 11.43 4.73
C SER A 41 1.29 11.97 4.83
N HIS A 42 1.03 12.76 5.89
CA HIS A 42 -0.35 13.20 6.16
C HIS A 42 -0.88 13.83 4.87
N GLY A 43 -1.97 13.27 4.36
CA GLY A 43 -2.69 13.91 3.25
C GLY A 43 -2.11 13.58 1.89
N LYS A 44 -1.06 12.76 1.89
CA LYS A 44 -0.45 12.40 0.62
C LYS A 44 -0.69 10.94 0.21
N SER A 45 -0.03 10.55 -0.89
CA SER A 45 -0.30 9.23 -1.43
C SER A 45 0.57 8.21 -0.67
N LEU A 46 0.48 6.99 -1.07
CA LEU A 46 1.22 5.90 -0.49
C LEU A 46 2.58 5.85 -1.25
N GLU A 47 3.64 5.57 -0.52
CA GLU A 47 4.95 5.38 -1.09
C GLU A 47 5.56 4.05 -0.70
N TRP A 48 5.99 3.29 -1.69
CA TRP A 48 6.66 2.01 -1.44
C TRP A 48 8.01 2.31 -0.78
N ILE A 49 8.29 1.67 0.36
CA ILE A 49 9.53 1.83 1.01
C ILE A 49 10.50 0.74 0.64
N GLY A 50 10.05 -0.52 0.79
CA GLY A 50 10.93 -1.66 0.41
C GLY A 50 10.19 -2.94 0.75
N ASN A 51 10.79 -4.05 0.42
CA ASN A 51 10.23 -5.39 0.64
C ASN A 51 11.26 -6.22 1.36
N ILE A 52 10.82 -7.19 2.10
CA ILE A 52 11.72 -8.18 2.70
C ILE A 52 11.11 -9.54 2.44
N ASN A 53 11.97 -10.47 2.09
CA ASN A 53 11.58 -11.88 1.98
C ASN A 53 11.98 -12.56 3.27
N PRO A 54 11.00 -12.83 4.16
CA PRO A 54 11.25 -13.39 5.48
C PRO A 54 12.00 -14.75 5.42
N TYR A 55 11.82 -15.47 4.35
CA TYR A 55 12.51 -16.76 4.25
C TYR A 55 14.06 -16.60 4.14
N TYR A 56 14.50 -15.70 3.27
CA TYR A 56 15.94 -15.39 3.08
C TYR A 56 16.48 -14.26 3.87
N GLY A 57 15.60 -13.31 4.22
CA GLY A 57 16.07 -12.07 4.90
C GLY A 57 16.60 -11.11 3.83
N SER A 58 16.39 -11.45 2.56
CA SER A 58 16.79 -10.57 1.44
C SER A 58 15.81 -9.39 1.28
N THR A 59 16.32 -8.28 0.84
CA THR A 59 15.49 -7.06 0.70
C THR A 59 15.70 -6.33 -0.58
N SER A 60 14.78 -5.40 -0.87
CA SER A 60 14.90 -4.53 -2.00
C SER A 60 14.21 -3.23 -1.59
N TYR A 61 14.80 -2.10 -1.94
CA TYR A 61 14.26 -0.78 -1.49
C TYR A 61 13.93 0.13 -2.59
N ASN A 62 13.03 1.08 -2.29
CA ASN A 62 12.73 2.13 -3.19
C ASN A 62 14.03 2.94 -3.08
N LEU A 63 14.57 3.38 -4.22
CA LEU A 63 15.83 4.21 -4.17
C LEU A 63 15.83 5.32 -3.17
N LYS A 64 14.74 6.08 -3.06
CA LYS A 64 14.74 7.13 -2.07
C LYS A 64 14.82 6.75 -0.61
N PHE A 65 14.50 5.48 -0.26
CA PHE A 65 14.57 5.10 1.17
C PHE A 65 15.80 4.26 1.49
N LYS A 66 16.54 3.90 0.42
CA LYS A 66 17.69 3.13 0.60
C LYS A 66 18.74 3.96 1.38
N GLY A 67 19.17 3.46 2.51
CA GLY A 67 20.13 4.19 3.34
C GLY A 67 19.40 4.89 4.50
N LYS A 68 18.07 5.02 4.36
CA LYS A 68 17.22 5.64 5.41
C LYS A 68 16.48 4.55 6.29
N ALA A 69 15.93 3.55 5.60
CA ALA A 69 15.13 2.50 6.23
C ALA A 69 15.87 1.19 6.15
N THR A 70 15.80 0.39 7.23
CA THR A 70 16.43 -0.91 7.31
C THR A 70 15.33 -1.94 7.70
N LEU A 71 15.08 -2.88 6.77
CA LEU A 71 14.05 -3.90 6.99
C LEU A 71 14.67 -5.21 7.50
N THR A 72 14.13 -5.74 8.57
CA THR A 72 14.61 -6.98 9.12
C THR A 72 13.43 -7.84 9.45
N VAL A 73 13.71 -9.12 9.75
CA VAL A 73 12.69 -10.07 10.25
C VAL A 73 13.22 -10.94 11.41
N ASP A 74 12.32 -11.35 12.27
CA ASP A 74 12.59 -12.30 13.32
C ASP A 74 11.63 -13.48 13.10
N LYS A 75 12.12 -14.56 12.48
CA LYS A 75 11.22 -15.65 12.12
C LYS A 75 10.64 -16.35 13.33
N SER A 76 11.38 -16.44 14.43
CA SER A 76 10.83 -17.10 15.61
C SER A 76 9.54 -16.47 16.08
N SER A 77 9.50 -15.12 16.08
CA SER A 77 8.32 -14.41 16.54
C SER A 77 7.42 -14.00 15.43
N SER A 78 7.77 -14.41 14.22
CA SER A 78 6.94 -14.06 13.07
C SER A 78 6.71 -12.55 13.03
N THR A 79 7.80 -11.80 13.24
CA THR A 79 7.70 -10.32 13.29
C THR A 79 8.64 -9.68 12.31
N ALA A 80 8.15 -8.66 11.60
CA ALA A 80 9.01 -7.90 10.67
C ALA A 80 9.28 -6.53 11.30
N TYR A 81 10.49 -5.96 11.05
CA TYR A 81 10.79 -4.67 11.57
C TYR A 81 11.26 -3.70 10.51
N MET A 82 11.02 -2.45 10.79
CA MET A 82 11.58 -1.35 9.93
C MET A 82 12.21 -0.32 10.85
N GLN A 83 13.52 -0.11 10.72
CA GLN A 83 14.14 0.93 11.48
C GLN A 83 14.38 2.13 10.58
N LEU A 84 14.08 3.30 11.10
CA LEU A 84 14.29 4.56 10.33
C LEU A 84 15.32 5.33 11.15
N ASN A 85 16.37 5.83 10.50
CA ASN A 85 17.42 6.55 11.17
C ASN A 85 17.47 8.07 10.88
N SER A 86 18.20 8.81 11.70
CA SER A 86 18.36 10.26 11.51
C SER A 86 17.04 10.94 11.18
N LEU A 87 16.04 10.75 12.02
CA LEU A 87 14.70 11.26 11.79
C LEU A 87 14.59 12.78 11.75
N THR A 88 13.79 13.26 10.78
CA THR A 88 13.55 14.71 10.65
C THR A 88 12.04 14.86 10.62
N SER A 89 11.57 16.09 10.62
CA SER A 89 10.18 16.40 10.51
C SER A 89 9.53 15.79 9.26
N GLU A 90 10.31 15.63 8.17
CA GLU A 90 9.76 15.01 6.97
C GLU A 90 9.55 13.45 7.07
N ASP A 91 9.98 12.89 8.19
CA ASP A 91 9.72 11.44 8.41
C ASP A 91 8.38 11.23 9.15
N SER A 92 7.84 12.32 9.65
CA SER A 92 6.52 12.21 10.37
C SER A 92 5.49 11.74 9.37
N ALA A 93 4.88 10.59 9.66
CA ALA A 93 3.87 10.05 8.73
C ALA A 93 3.29 8.80 9.36
N VAL A 94 2.42 8.13 8.63
CA VAL A 94 1.91 6.83 9.05
C VAL A 94 2.60 5.79 8.22
N TYR A 95 3.14 4.79 8.85
CA TYR A 95 3.86 3.71 8.11
C TYR A 95 3.03 2.44 8.23
N TYR A 96 2.95 1.71 7.18
CA TYR A 96 2.22 0.40 7.18
C TYR A 96 3.12 -0.71 6.73
N CYS A 97 2.86 -1.90 7.28
CA CYS A 97 3.40 -3.10 6.73
C CYS A 97 2.24 -3.78 6.06
N ALA A 98 2.48 -4.57 5.03
CA ALA A 98 1.41 -5.21 4.33
C ALA A 98 1.96 -6.45 3.68
N ARG A 99 1.16 -7.54 3.72
CA ARG A 99 1.58 -8.78 3.14
C ARG A 99 1.36 -8.74 1.67
N LYS A 100 2.34 -9.25 0.93
CA LYS A 100 2.20 -9.26 -0.50
C LYS A 100 2.12 -10.70 -1.02
N ASN A 101 1.11 -11.02 -1.83
CA ASN A 101 0.98 -12.40 -2.31
C ASN A 101 1.63 -12.57 -3.66
N TYR A 102 1.78 -13.83 -4.08
CA TYR A 102 2.40 -14.13 -5.36
C TYR A 102 1.42 -14.17 -6.49
N TYR A 103 0.30 -14.91 -6.31
CA TYR A 103 -0.69 -15.11 -7.37
C TYR A 103 -1.18 -13.77 -7.89
N GLY A 104 -1.36 -12.80 -6.99
CA GLY A 104 -1.87 -11.52 -7.49
C GLY A 104 -0.86 -10.43 -7.48
N SER A 105 0.29 -10.70 -6.88
CA SER A 105 1.26 -9.68 -6.62
C SER A 105 0.59 -8.46 -6.03
N SER A 106 -0.38 -8.70 -5.14
CA SER A 106 -1.12 -7.56 -4.51
C SER A 106 -0.94 -7.60 -2.96
N LEU A 107 -1.36 -6.55 -2.30
CA LEU A 107 -1.23 -6.42 -0.87
C LEU A 107 -2.55 -6.80 -0.25
N ASP A 108 -2.69 -8.06 0.09
CA ASP A 108 -3.99 -8.58 0.61
C ASP A 108 -4.29 -8.27 2.03
N TYR A 109 -3.28 -8.15 2.87
CA TYR A 109 -3.50 -7.84 4.27
C TYR A 109 -2.56 -6.74 4.71
N TRP A 110 -3.14 -5.72 5.37
CA TRP A 110 -2.38 -4.54 5.89
C TRP A 110 -2.43 -4.47 7.39
N GLY A 111 -1.36 -3.91 7.98
CA GLY A 111 -1.30 -3.64 9.37
C GLY A 111 -2.17 -2.43 9.63
N GLN A 112 -2.40 -2.07 10.92
CA GLN A 112 -3.25 -0.96 11.24
C GLN A 112 -2.53 0.40 11.10
N GLY A 113 -1.22 0.36 10.92
CA GLY A 113 -0.45 1.63 10.74
C GLY A 113 0.19 2.10 12.03
N THR A 114 1.33 2.75 11.91
CA THR A 114 2.02 3.27 13.06
C THR A 114 2.28 4.73 12.76
N THR A 115 1.75 5.63 13.60
CA THR A 115 1.96 7.06 13.44
C THR A 115 3.30 7.47 14.10
N LEU A 116 4.16 8.11 13.33
CA LEU A 116 5.44 8.57 13.86
C LEU A 116 5.40 10.07 13.79
N THR A 117 5.67 10.68 14.94
CA THR A 117 5.73 12.15 15.00
C THR A 117 7.17 12.50 15.41
N VAL A 118 7.86 13.23 14.53
CA VAL A 118 9.25 13.61 14.83
C VAL A 118 9.22 15.02 15.39
N SER A 119 9.59 15.16 16.64
CA SER A 119 9.41 16.48 17.32
C SER A 119 10.17 16.62 18.61
N SER A 120 10.40 17.87 19.00
CA SER A 120 11.04 18.18 20.32
C SER A 120 9.95 18.22 21.41
N ALA A 121 8.69 18.41 20.98
CA ALA A 121 7.48 18.42 21.85
C ALA A 121 7.40 17.24 22.80
N LYS A 122 6.70 17.45 23.91
CA LYS A 122 6.72 16.44 24.98
C LYS A 122 5.55 15.46 24.84
N THR A 123 4.45 15.93 24.24
CA THR A 123 3.28 15.10 23.98
C THR A 123 2.74 15.38 22.56
N THR A 124 1.79 14.52 22.13
CA THR A 124 0.96 14.72 20.90
C THR A 124 1.00 13.47 20.02
N GLY A 125 -0.10 12.71 20.09
CA GLY A 125 -0.24 11.42 19.41
C GLY A 125 0.25 10.23 20.22
N GLY A 136 14.00 10.09 -8.32
CA GLY A 136 12.70 10.74 -8.40
C GLY A 136 11.84 10.17 -9.51
N GLY A 137 12.07 10.62 -10.75
CA GLY A 137 11.32 10.12 -11.93
C GLY A 137 11.97 8.95 -12.64
N GLY A 138 13.09 9.25 -13.31
CA GLY A 138 13.87 8.21 -14.01
C GLY A 138 12.98 7.39 -14.96
N SER A 139 13.11 6.08 -14.90
CA SER A 139 12.30 5.23 -15.74
C SER A 139 11.15 4.55 -14.91
N ASP A 140 10.92 5.01 -13.67
CA ASP A 140 9.76 4.51 -12.85
C ASP A 140 8.44 4.69 -13.57
N VAL A 141 7.56 3.66 -13.48
CA VAL A 141 6.26 3.75 -14.12
C VAL A 141 5.41 4.71 -13.33
N VAL A 142 4.86 5.72 -13.98
CA VAL A 142 4.02 6.75 -13.28
C VAL A 142 2.54 6.38 -13.44
N MET A 143 1.80 6.44 -12.34
CA MET A 143 0.39 6.11 -12.32
C MET A 143 -0.38 7.41 -12.08
N THR A 144 -1.25 7.75 -13.04
CA THR A 144 -1.98 9.05 -12.93
C THR A 144 -3.47 8.76 -12.77
N GLN A 145 -4.04 9.24 -11.69
CA GLN A 145 -5.48 8.96 -11.43
C GLN A 145 -6.29 10.20 -11.68
N THR A 146 -7.46 10.03 -12.27
CA THR A 146 -8.39 11.15 -12.54
C THR A 146 -9.80 10.67 -12.25
N PRO A 147 -10.62 11.49 -11.58
CA PRO A 147 -10.25 12.82 -11.07
C PRO A 147 -9.55 12.71 -9.72
N PHE A 148 -9.05 13.83 -9.23
CA PHE A 148 -8.45 13.88 -7.90
C PHE A 148 -9.52 13.63 -6.89
N SER A 149 -10.68 14.16 -7.18
CA SER A 149 -11.81 14.08 -6.19
C SER A 149 -13.10 13.86 -6.93
N LEU A 150 -14.00 13.07 -6.35
CA LEU A 150 -15.28 12.76 -6.94
C LEU A 150 -16.41 12.88 -5.92
N PRO A 151 -17.09 14.04 -5.91
CA PRO A 151 -18.18 14.27 -4.99
C PRO A 151 -19.44 13.69 -5.58
N VAL A 152 -20.21 13.01 -4.78
CA VAL A 152 -21.46 12.44 -5.29
C VAL A 152 -22.53 12.50 -4.23
N SER A 153 -23.75 12.17 -4.64
CA SER A 153 -24.83 11.92 -3.72
C SER A 153 -24.82 10.44 -3.53
N LEU A 154 -25.11 9.97 -2.35
CA LEU A 154 -25.20 8.51 -2.14
C LEU A 154 -26.20 7.94 -3.14
N GLY A 155 -25.85 6.83 -3.78
CA GLY A 155 -26.74 6.24 -4.75
C GLY A 155 -26.22 6.47 -6.14
N ASP A 156 -25.41 7.51 -6.33
CA ASP A 156 -24.94 7.78 -7.65
C ASP A 156 -24.02 6.62 -8.11
N GLN A 157 -23.79 6.54 -9.40
CA GLN A 157 -22.75 5.62 -9.90
C GLN A 157 -21.49 6.49 -9.96
N ALA A 158 -20.32 5.85 -9.95
CA ALA A 158 -19.04 6.55 -10.00
C ALA A 158 -18.09 5.80 -10.93
N SER A 159 -17.19 6.54 -11.51
CA SER A 159 -16.18 5.99 -12.40
C SER A 159 -14.90 6.76 -12.21
N ILE A 160 -13.79 6.06 -11.94
CA ILE A 160 -12.52 6.76 -11.75
C ILE A 160 -11.44 6.10 -12.60
N SER A 161 -10.52 6.89 -13.14
CA SER A 161 -9.56 6.32 -14.02
C SER A 161 -8.12 6.33 -13.54
N CYS A 162 -7.32 5.43 -14.12
CA CYS A 162 -5.92 5.28 -13.71
C CYS A 162 -5.12 5.02 -15.00
N ARG A 163 -4.16 5.88 -15.31
CA ARG A 163 -3.34 5.68 -16.52
C ARG A 163 -1.86 5.44 -16.14
N SER A 164 -1.21 4.45 -16.76
CA SER A 164 0.18 4.19 -16.50
C SER A 164 1.05 4.80 -17.64
N SER A 165 2.28 5.21 -17.32
CA SER A 165 3.22 5.79 -18.32
C SER A 165 3.69 4.72 -19.32
N GLN A 166 3.48 3.43 -18.98
CA GLN A 166 3.74 2.36 -19.97
C GLN A 166 2.93 1.14 -19.68
N SER A 167 2.86 0.24 -20.66
CA SER A 167 1.96 -0.92 -20.60
C SER A 167 2.23 -1.67 -19.32
N LEU A 168 1.17 -2.16 -18.70
CA LEU A 168 1.31 -2.96 -17.46
C LEU A 168 1.13 -4.45 -17.84
N VAL A 169 1.02 -4.76 -19.11
CA VAL A 169 0.89 -6.15 -19.54
C VAL A 169 2.24 -6.77 -19.18
N HIS A 170 2.19 -7.89 -18.48
CA HIS A 170 3.44 -8.60 -18.08
C HIS A 170 3.79 -9.70 -19.11
N SER A 171 5.03 -10.16 -19.16
CA SER A 171 5.41 -11.30 -20.01
C SER A 171 4.50 -12.54 -19.86
N ASN A 172 4.08 -12.86 -18.62
CA ASN A 172 3.26 -14.06 -18.39
C ASN A 172 1.84 -13.83 -18.82
N GLY A 173 1.59 -12.66 -19.44
CA GLY A 173 0.29 -12.40 -20.04
C GLY A 173 -0.66 -11.71 -19.08
N ASN A 174 -0.32 -11.65 -17.78
CA ASN A 174 -1.20 -10.99 -16.77
C ASN A 174 -0.88 -9.51 -16.67
N THR A 175 -1.84 -8.75 -16.12
CA THR A 175 -1.72 -7.29 -15.95
C THR A 175 -1.85 -7.00 -14.47
N TYR A 176 -0.76 -6.60 -13.81
CA TYR A 176 -0.75 -6.43 -12.35
C TYR A 176 -1.10 -4.98 -11.95
N LEU A 177 -2.39 -4.66 -12.10
CA LEU A 177 -2.89 -3.36 -11.80
C LEU A 177 -4.02 -3.62 -10.75
N HIS A 178 -3.87 -3.02 -9.58
CA HIS A 178 -4.83 -3.29 -8.48
C HIS A 178 -5.42 -1.97 -7.98
N TRP A 179 -6.55 -2.07 -7.32
CA TRP A 179 -7.22 -0.92 -6.65
C TRP A 179 -7.39 -1.19 -5.17
N TYR A 180 -7.10 -0.19 -4.37
CA TYR A 180 -7.20 -0.26 -2.94
C TYR A 180 -8.15 0.84 -2.49
N LEU A 181 -8.83 0.60 -1.35
CA LEU A 181 -9.71 1.63 -0.76
C LEU A 181 -9.25 1.90 0.60
N GLN A 182 -9.00 3.19 0.92
CA GLN A 182 -8.63 3.56 2.27
C GLN A 182 -9.80 4.42 2.83
N LYS A 183 -10.52 3.85 3.77
CA LYS A 183 -11.58 4.57 4.46
C LYS A 183 -11.00 5.57 5.41
N PRO A 184 -11.70 6.69 5.64
CA PRO A 184 -11.10 7.72 6.51
C PRO A 184 -10.56 7.16 7.79
N GLY A 185 -9.34 7.56 8.14
CA GLY A 185 -8.72 7.08 9.35
C GLY A 185 -8.24 5.61 9.39
N GLN A 186 -8.46 4.85 8.32
CA GLN A 186 -8.09 3.42 8.35
C GLN A 186 -6.93 3.11 7.41
N SER A 187 -6.51 1.84 7.41
CA SER A 187 -5.45 1.42 6.53
C SER A 187 -6.09 1.12 5.20
N PRO A 188 -5.30 1.18 4.10
CA PRO A 188 -5.88 0.80 2.81
C PRO A 188 -6.30 -0.67 2.85
N LYS A 189 -7.25 -1.01 1.98
CA LYS A 189 -7.68 -2.42 1.83
C LYS A 189 -7.76 -2.77 0.36
N LEU A 190 -7.41 -4.00 0.05
CA LEU A 190 -7.43 -4.42 -1.34
C LEU A 190 -8.91 -4.57 -1.80
N LEU A 191 -9.20 -4.01 -2.96
CA LEU A 191 -10.54 -4.10 -3.51
C LEU A 191 -10.49 -5.01 -4.74
N ILE A 192 -9.65 -4.64 -5.69
CA ILE A 192 -9.58 -5.37 -7.00
C ILE A 192 -8.11 -5.64 -7.29
N TYR A 193 -7.76 -6.87 -7.69
CA TYR A 193 -6.37 -7.18 -8.08
C TYR A 193 -6.33 -7.66 -9.53
N LYS A 194 -5.24 -7.37 -10.21
CA LYS A 194 -5.11 -7.77 -11.62
C LYS A 194 -6.24 -7.29 -12.49
N VAL A 195 -6.49 -5.99 -12.43
CA VAL A 195 -7.47 -5.31 -13.32
C VAL A 195 -8.95 -5.51 -12.97
N SER A 196 -9.41 -6.73 -12.82
CA SER A 196 -10.84 -6.93 -12.66
C SER A 196 -11.27 -7.97 -11.67
N ASN A 197 -10.33 -8.55 -10.92
CA ASN A 197 -10.75 -9.56 -9.96
C ASN A 197 -11.08 -8.98 -8.59
N ARG A 198 -12.29 -9.22 -8.10
CA ARG A 198 -12.72 -8.69 -6.80
C ARG A 198 -12.06 -9.48 -5.72
N PHE A 199 -11.51 -8.80 -4.70
CA PHE A 199 -10.90 -9.52 -3.61
C PHE A 199 -12.04 -10.09 -2.71
N SER A 200 -11.69 -10.97 -1.79
CA SER A 200 -12.73 -11.60 -0.94
C SER A 200 -13.58 -10.61 -0.16
N GLY A 201 -14.90 -10.74 -0.28
CA GLY A 201 -15.76 -9.80 0.51
C GLY A 201 -16.08 -8.47 -0.16
N VAL A 202 -15.52 -8.23 -1.35
CA VAL A 202 -15.81 -7.00 -2.08
C VAL A 202 -17.08 -7.18 -2.92
N PRO A 203 -18.05 -6.27 -2.75
CA PRO A 203 -19.35 -6.36 -3.42
C PRO A 203 -19.29 -6.22 -4.88
N ASP A 204 -20.32 -6.77 -5.56
CA ASP A 204 -20.46 -6.66 -7.03
C ASP A 204 -20.64 -5.31 -7.59
N ARG A 205 -21.04 -4.33 -6.77
CA ARG A 205 -21.14 -2.97 -7.34
C ARG A 205 -19.78 -2.43 -7.79
N PHE A 206 -18.69 -3.06 -7.36
CA PHE A 206 -17.33 -2.59 -7.79
C PHE A 206 -16.91 -3.44 -8.98
N SER A 207 -16.39 -2.81 -10.03
CA SER A 207 -15.89 -3.55 -11.13
C SER A 207 -14.72 -2.80 -11.78
N GLY A 208 -13.63 -3.53 -12.08
CA GLY A 208 -12.42 -2.94 -12.68
C GLY A 208 -12.34 -3.32 -14.13
N SER A 209 -11.86 -2.43 -14.98
CA SER A 209 -11.68 -2.76 -16.39
C SER A 209 -10.48 -2.02 -16.97
N GLY A 210 -10.22 -2.25 -18.27
CA GLY A 210 -9.08 -1.60 -18.88
C GLY A 210 -7.98 -2.54 -19.36
N SER A 211 -6.99 -1.97 -20.04
CA SER A 211 -5.82 -2.74 -20.51
C SER A 211 -4.63 -1.83 -20.83
N GLY A 212 -3.47 -2.41 -20.82
CA GLY A 212 -2.31 -1.76 -21.22
C GLY A 212 -1.86 -0.64 -20.32
N THR A 213 -2.33 0.58 -20.65
CA THR A 213 -2.04 1.74 -19.87
C THR A 213 -3.30 2.46 -19.40
N ASP A 214 -4.49 1.96 -19.76
CA ASP A 214 -5.80 2.62 -19.43
C ASP A 214 -6.77 1.74 -18.63
N PHE A 215 -7.07 2.15 -17.40
CA PHE A 215 -7.85 1.36 -16.48
C PHE A 215 -8.93 2.18 -15.78
N THR A 216 -9.99 1.52 -15.41
CA THR A 216 -11.10 2.19 -14.79
C THR A 216 -11.74 1.37 -13.71
N LEU A 217 -12.13 2.04 -12.65
CA LEU A 217 -12.87 1.38 -11.55
C LEU A 217 -14.26 1.99 -11.57
N LYS A 218 -15.28 1.16 -11.47
CA LYS A 218 -16.67 1.60 -11.44
C LYS A 218 -17.42 1.13 -10.27
N ILE A 219 -18.28 2.02 -9.76
CA ILE A 219 -19.09 1.67 -8.62
C ILE A 219 -20.51 2.06 -9.13
N SER A 220 -21.30 1.04 -9.37
CA SER A 220 -22.62 1.28 -9.98
C SER A 220 -23.52 2.07 -9.03
N ARG A 221 -23.26 1.98 -7.73
CA ARG A 221 -24.09 2.58 -6.73
C ARG A 221 -23.34 2.85 -5.44
N VAL A 222 -22.96 4.09 -5.22
CA VAL A 222 -22.08 4.49 -4.06
C VAL A 222 -22.79 4.43 -2.75
N GLU A 223 -22.22 3.72 -1.78
CA GLU A 223 -22.79 3.60 -0.50
C GLU A 223 -21.85 4.26 0.50
N ALA A 224 -22.36 4.56 1.70
CA ALA A 224 -21.55 5.20 2.75
C ALA A 224 -20.24 4.49 3.07
N GLU A 225 -20.27 3.13 3.04
CA GLU A 225 -19.09 2.37 3.37
C GLU A 225 -18.07 2.43 2.21
N ASP A 226 -18.44 2.99 1.09
CA ASP A 226 -17.55 3.11 -0.08
C ASP A 226 -16.72 4.40 -0.09
N LEU A 227 -17.10 5.36 0.76
CA LEU A 227 -16.44 6.64 0.83
C LEU A 227 -15.01 6.52 1.32
N GLY A 228 -14.11 7.26 0.69
CA GLY A 228 -12.68 7.28 1.17
C GLY A 228 -11.82 7.58 0.01
N VAL A 229 -10.58 7.14 0.05
CA VAL A 229 -9.69 7.41 -1.10
C VAL A 229 -9.32 6.11 -1.81
N TYR A 230 -9.48 6.10 -3.13
CA TYR A 230 -9.17 4.93 -3.94
C TYR A 230 -7.79 5.14 -4.60
N PHE A 231 -6.94 4.16 -4.44
CA PHE A 231 -5.60 4.18 -5.06
C PHE A 231 -5.44 3.04 -6.02
N CYS A 232 -4.93 3.32 -7.25
CA CYS A 232 -4.56 2.26 -8.10
C CYS A 232 -3.06 2.05 -7.88
N SER A 233 -2.54 0.87 -8.19
CA SER A 233 -1.10 0.60 -8.09
C SER A 233 -0.74 -0.41 -9.11
N GLN A 234 0.53 -0.41 -9.53
CA GLN A 234 1.00 -1.40 -10.45
C GLN A 234 2.20 -2.12 -9.81
N SER A 235 2.27 -3.41 -10.07
CA SER A 235 3.39 -4.21 -9.59
C SER A 235 3.91 -5.10 -10.73
N THR A 236 3.60 -4.69 -11.95
CA THR A 236 4.08 -5.45 -13.16
C THR A 236 5.57 -5.06 -13.32
N HIS A 237 5.94 -3.84 -12.93
CA HIS A 237 7.32 -3.37 -13.09
C HIS A 237 7.80 -2.93 -11.75
N VAL A 238 9.11 -3.14 -11.48
CA VAL A 238 9.69 -2.65 -10.28
C VAL A 238 10.44 -1.35 -10.55
N PRO A 239 10.39 -0.40 -9.65
CA PRO A 239 9.67 -0.40 -8.39
C PRO A 239 8.16 -0.33 -8.57
N TYR A 240 7.46 -0.80 -7.52
CA TYR A 240 6.01 -0.73 -7.46
C TYR A 240 5.66 0.71 -7.30
N THR A 241 4.58 1.17 -7.93
CA THR A 241 4.17 2.55 -7.83
C THR A 241 2.66 2.67 -7.60
N PHE A 242 2.25 3.74 -6.96
CA PHE A 242 0.84 3.99 -6.66
C PHE A 242 0.37 5.24 -7.37
N GLY A 243 -0.94 5.29 -7.73
CA GLY A 243 -1.54 6.49 -8.25
C GLY A 243 -1.64 7.50 -7.14
N GLY A 244 -1.93 8.76 -7.47
CA GLY A 244 -2.01 9.80 -6.49
C GLY A 244 -3.26 9.71 -5.59
N GLY A 245 -4.26 8.92 -5.98
CA GLY A 245 -5.48 8.79 -5.11
C GLY A 245 -6.68 9.58 -5.68
N THR A 246 -7.88 9.04 -5.51
CA THR A 246 -9.11 9.74 -5.86
C THR A 246 -10.04 9.67 -4.64
N LYS A 247 -10.37 10.85 -4.07
CA LYS A 247 -11.19 10.88 -2.89
C LYS A 247 -12.65 10.84 -3.32
N LEU A 248 -13.36 9.88 -2.82
CA LEU A 248 -14.80 9.74 -3.10
C LEU A 248 -15.54 10.25 -1.87
N GLU A 249 -16.28 11.32 -2.03
CA GLU A 249 -16.94 11.93 -0.84
C GLU A 249 -18.33 12.41 -1.19
N ILE A 250 -19.10 12.75 -0.16
CA ILE A 250 -20.47 13.21 -0.34
C ILE A 250 -20.55 14.76 -0.59
N LYS A 251 -21.47 15.19 -1.49
CA LYS A 251 -21.64 16.61 -1.74
C LYS A 251 -22.18 17.36 -0.51
N PHE B 3 11.39 -21.55 -3.49
CA PHE B 3 10.20 -21.04 -4.27
C PHE B 3 9.61 -19.78 -3.62
N TYR B 4 10.23 -19.36 -2.47
CA TYR B 4 9.61 -18.33 -1.58
C TYR B 4 10.03 -16.91 -1.81
N PRO B 5 9.26 -15.99 -1.18
CA PRO B 5 7.82 -16.29 -0.97
C PRO B 5 7.11 -15.75 -2.21
N TYR B 6 7.85 -14.89 -2.92
CA TYR B 6 7.56 -14.28 -4.24
C TYR B 6 6.27 -13.38 -4.42
N PRO B 7 6.42 -12.13 -4.97
CA PRO B 7 5.32 -11.29 -5.45
C PRO B 7 5.44 -10.81 -6.93
N TYR B 8 6.62 -10.24 -7.41
CA TYR B 8 6.96 -10.22 -8.87
C TYR B 8 8.32 -9.59 -9.40
N ALA B 9 8.47 -10.10 -10.81
CA ALA B 9 9.58 -9.74 -11.73
C ALA B 9 9.39 -10.33 -13.08
#